data_1DR4
#
_entry.id   1DR4
#
_cell.length_a   89.080
_cell.length_b   48.290
_cell.length_c   64.320
_cell.angle_alpha   90.00
_cell.angle_beta   124.80
_cell.angle_gamma   90.00
#
_symmetry.space_group_name_H-M   'C 1 2 1'
#
loop_
_entity.id
_entity.type
_entity.pdbx_description
1 polymer 'DIHYDROFOLATE REDUCTASE'
2 non-polymer 'MERCURY (II) ION'
3 non-polymer 'CALCIUM ION'
4 non-polymer 'NADP NICOTINAMIDE-ADENINE-DINUCLEOTIDE PHOSPHATE'
5 non-polymer 7,8-DIHYDROBIOPTERIN
6 water water
#
_entity_poly.entity_id   1
_entity_poly.type   'polypeptide(L)'
_entity_poly.pdbx_seq_one_letter_code
;VRSLNSIVAVCQNMGIGKDGNLPWPPLRNEYKYFQRMTSTSHVEGKQNAVIMGKKTWFSIPEKNRPLKDRINIVLSRELK
EAPKGAHYLSKSLDDALALLDSPELKSKVDMVWIVGGTAVYKAAMEKPINHRLFVTRILHEFESDTFFPEIDYKDFKLLT
EYPGVPADIQEEDGIQYKFEVYQKSVLAQ
;
_entity_poly.pdbx_strand_id   A
#
loop_
_chem_comp.id
_chem_comp.type
_chem_comp.name
_chem_comp.formula
CA non-polymer 'CALCIUM ION' 'Ca 2'
HBI non-polymer 7,8-DIHYDROBIOPTERIN 'C9 H13 N5 O3'
HG non-polymer 'MERCURY (II) ION' 'Hg 2'
NAP non-polymer 'NADP NICOTINAMIDE-ADENINE-DINUCLEOTIDE PHOSPHATE' 'C21 H28 N7 O17 P3'
#
# COMPACT_ATOMS: atom_id res chain seq x y z
N VAL A 1 -13.80 -5.46 -8.80
CA VAL A 1 -13.49 -4.46 -7.77
C VAL A 1 -13.68 -3.06 -8.36
N ARG A 2 -14.44 -2.27 -7.64
CA ARG A 2 -14.81 -0.92 -8.04
C ARG A 2 -13.67 0.06 -8.14
N SER A 3 -12.75 0.02 -7.19
CA SER A 3 -11.64 1.01 -7.19
C SER A 3 -10.56 0.48 -6.25
N LEU A 4 -9.34 0.84 -6.58
CA LEU A 4 -8.18 0.40 -5.80
C LEU A 4 -7.73 1.54 -4.88
N ASN A 5 -6.95 1.20 -3.91
CA ASN A 5 -6.27 2.18 -3.04
C ASN A 5 -4.80 1.71 -2.96
N SER A 6 -3.94 2.70 -2.99
CA SER A 6 -2.48 2.39 -2.81
C SER A 6 -1.99 3.33 -1.73
N ILE A 7 -1.03 2.86 -0.99
CA ILE A 7 -0.45 3.69 0.10
C ILE A 7 1.06 3.45 0.09
N VAL A 8 1.82 4.55 0.22
CA VAL A 8 3.29 4.39 0.21
C VAL A 8 3.91 5.57 0.96
N ALA A 9 5.14 5.33 1.45
CA ALA A 9 5.88 6.48 2.03
C ALA A 9 7.13 6.64 1.12
N VAL A 10 7.34 7.86 0.62
CA VAL A 10 8.53 8.05 -0.25
C VAL A 10 9.38 9.22 0.27
N CYS A 11 10.66 9.11 -0.13
CA CYS A 11 11.58 10.19 0.18
C CYS A 11 11.81 11.09 -1.01
N GLN A 12 12.70 12.03 -0.87
CA GLN A 12 12.96 13.03 -1.87
C GLN A 12 13.24 12.54 -3.25
N ASN A 13 13.95 11.42 -3.37
CA ASN A 13 14.22 10.96 -4.77
C ASN A 13 13.25 9.85 -5.14
N MET A 14 12.10 9.85 -4.47
CA MET A 14 11.09 8.82 -4.68
C MET A 14 11.54 7.43 -4.26
N GLY A 15 12.46 7.31 -3.33
CA GLY A 15 12.93 5.95 -2.90
C GLY A 15 11.94 5.38 -1.89
N ILE A 16 11.78 4.04 -1.87
CA ILE A 16 10.88 3.46 -0.88
C ILE A 16 11.50 2.42 0.00
N GLY A 17 12.77 2.10 -0.28
CA GLY A 17 13.41 1.02 0.53
C GLY A 17 14.88 0.91 0.21
N LYS A 18 15.57 0.21 1.11
CA LYS A 18 16.99 -0.05 0.96
C LYS A 18 17.37 -1.33 1.70
N ASP A 19 18.04 -2.24 1.01
CA ASP A 19 18.52 -3.47 1.67
C ASP A 19 17.37 -4.26 2.33
N GLY A 20 16.21 -4.31 1.69
CA GLY A 20 15.13 -5.11 2.21
C GLY A 20 14.30 -4.43 3.25
N ASN A 21 14.57 -3.18 3.58
CA ASN A 21 13.77 -2.43 4.55
C ASN A 21 13.55 -1.00 4.09
N LEU A 22 13.02 -0.21 5.01
CA LEU A 22 12.75 1.21 4.78
C LEU A 22 14.07 2.00 4.92
N PRO A 23 14.18 3.03 4.11
CA PRO A 23 15.37 3.89 4.11
C PRO A 23 15.52 4.75 5.34
N TRP A 24 14.49 5.01 6.14
CA TRP A 24 14.66 5.85 7.37
C TRP A 24 14.43 4.95 8.59
N PRO A 25 15.00 5.32 9.73
CA PRO A 25 14.68 4.65 11.00
C PRO A 25 13.17 4.92 11.19
N PRO A 26 12.65 4.39 12.26
CA PRO A 26 11.21 4.35 12.46
C PRO A 26 10.53 5.65 12.74
N LEU A 27 9.42 5.91 12.05
CA LEU A 27 8.54 7.03 12.24
C LEU A 27 7.23 6.43 12.80
N ARG A 28 7.12 6.55 14.10
CA ARG A 28 5.97 6.02 14.88
C ARG A 28 4.65 6.47 14.29
N ASN A 29 4.45 7.77 14.20
CA ASN A 29 3.29 8.45 13.69
C ASN A 29 2.96 8.12 12.26
N GLU A 30 3.95 8.08 11.40
CA GLU A 30 3.73 7.69 9.99
C GLU A 30 3.22 6.25 9.92
N TYR A 31 3.83 5.41 10.74
CA TYR A 31 3.45 4.02 10.81
C TYR A 31 2.02 3.84 11.28
N LYS A 32 1.57 4.62 12.25
CA LYS A 32 0.22 4.52 12.78
C LYS A 32 -0.78 5.00 11.72
N TYR A 33 -0.35 5.91 10.88
CA TYR A 33 -1.17 6.44 9.79
C TYR A 33 -1.46 5.30 8.78
N PHE A 34 -0.43 4.55 8.43
CA PHE A 34 -0.47 3.44 7.48
C PHE A 34 -1.38 2.32 8.01
N GLN A 35 -1.18 2.01 9.27
CA GLN A 35 -1.96 1.03 10.01
C GLN A 35 -3.43 1.40 10.00
N ARG A 36 -3.76 2.57 10.48
CA ARG A 36 -5.11 3.09 10.56
C ARG A 36 -5.78 3.07 9.21
N MET A 37 -5.10 3.61 8.20
CA MET A 37 -5.65 3.68 6.85
C MET A 37 -5.97 2.27 6.33
N THR A 38 -5.01 1.37 6.40
CA THR A 38 -5.18 0.03 5.82
C THR A 38 -6.13 -0.84 6.60
N SER A 39 -6.22 -0.63 7.91
CA SER A 39 -7.06 -1.45 8.77
C SER A 39 -8.52 -1.06 8.82
N THR A 40 -8.85 0.20 8.61
CA THR A 40 -10.20 0.71 8.83
C THR A 40 -11.14 0.53 7.66
N SER A 41 -12.11 -0.35 7.85
CA SER A 41 -13.16 -0.65 6.84
C SER A 41 -14.41 0.09 7.31
N HIS A 42 -15.30 0.43 6.40
CA HIS A 42 -16.51 1.18 6.84
C HIS A 42 -17.76 0.35 6.68
N VAL A 43 -17.71 -0.87 7.14
CA VAL A 43 -18.88 -1.78 6.98
C VAL A 43 -18.67 -2.88 8.02
N GLU A 44 -19.63 -2.99 8.93
CA GLU A 44 -19.47 -4.00 9.97
C GLU A 44 -19.48 -5.39 9.38
N GLY A 45 -18.56 -6.21 9.89
CA GLY A 45 -18.42 -7.59 9.45
C GLY A 45 -17.47 -7.74 8.28
N LYS A 46 -16.87 -6.65 7.84
CA LYS A 46 -15.90 -6.80 6.72
C LYS A 46 -14.52 -6.36 7.17
N GLN A 47 -13.54 -6.88 6.47
CA GLN A 47 -12.11 -6.51 6.73
C GLN A 47 -11.57 -5.99 5.38
N ASN A 48 -10.48 -5.29 5.45
CA ASN A 48 -9.85 -4.74 4.22
C ASN A 48 -8.85 -5.83 3.77
N ALA A 49 -8.54 -5.76 2.50
CA ALA A 49 -7.54 -6.69 1.92
C ALA A 49 -6.31 -5.82 1.60
N VAL A 50 -5.17 -6.42 1.84
CA VAL A 50 -3.87 -5.81 1.48
C VAL A 50 -3.15 -6.74 0.49
N ILE A 51 -2.69 -6.16 -0.58
CA ILE A 51 -1.90 -6.98 -1.56
C ILE A 51 -0.46 -6.49 -1.56
N MET A 52 0.47 -7.41 -1.64
CA MET A 52 1.90 -7.01 -1.59
C MET A 52 2.71 -8.10 -2.28
N GLY A 53 3.87 -7.67 -2.72
CA GLY A 53 4.87 -8.50 -3.41
C GLY A 53 5.63 -9.31 -2.34
N LYS A 54 6.48 -10.22 -2.77
CA LYS A 54 7.16 -11.19 -1.96
C LYS A 54 8.15 -10.57 -1.00
N LYS A 55 8.99 -9.69 -1.56
CA LYS A 55 10.04 -9.02 -0.77
C LYS A 55 9.38 -8.24 0.34
N THR A 56 8.28 -7.54 -0.04
CA THR A 56 7.57 -6.75 1.00
C THR A 56 7.03 -7.63 2.13
N TRP A 57 6.49 -8.80 1.79
CA TRP A 57 5.93 -9.70 2.83
C TRP A 57 7.06 -10.12 3.77
N PHE A 58 8.16 -10.53 3.16
CA PHE A 58 9.29 -11.02 3.99
C PHE A 58 9.94 -9.89 4.76
N SER A 59 9.67 -8.66 4.33
CA SER A 59 10.26 -7.49 5.05
C SER A 59 9.64 -7.31 6.40
N ILE A 60 8.49 -7.93 6.60
CA ILE A 60 7.79 -7.75 7.92
C ILE A 60 8.36 -8.76 8.89
N PRO A 61 8.70 -8.29 10.07
CA PRO A 61 9.18 -9.18 11.15
C PRO A 61 8.24 -10.37 11.25
N GLU A 62 8.79 -11.55 11.29
CA GLU A 62 8.07 -12.81 11.27
C GLU A 62 6.96 -12.88 12.30
N LYS A 63 7.30 -12.43 13.49
CA LYS A 63 6.31 -12.43 14.58
C LYS A 63 5.17 -11.47 14.33
N ASN A 64 5.32 -10.52 13.42
CA ASN A 64 4.26 -9.53 13.15
C ASN A 64 3.44 -9.87 11.90
N ARG A 65 3.53 -11.09 11.39
CA ARG A 65 2.83 -11.56 10.22
C ARG A 65 1.64 -12.46 10.59
N PRO A 66 0.54 -12.28 9.89
CA PRO A 66 0.31 -11.28 8.86
C PRO A 66 -0.22 -9.99 9.47
N LEU A 67 -0.29 -8.97 8.58
CA LEU A 67 -0.83 -7.69 9.05
C LEU A 67 -2.19 -7.98 9.68
N LYS A 68 -2.22 -7.79 10.97
CA LYS A 68 -3.40 -8.00 11.82
C LYS A 68 -4.63 -7.33 11.23
N ASP A 69 -5.75 -8.03 11.27
CA ASP A 69 -7.05 -7.51 10.91
C ASP A 69 -7.28 -7.18 9.46
N ARG A 70 -6.43 -7.66 8.59
CA ARG A 70 -6.60 -7.44 7.14
C ARG A 70 -6.30 -8.82 6.50
N ILE A 71 -6.87 -9.00 5.34
CA ILE A 71 -6.62 -10.27 4.57
C ILE A 71 -5.33 -9.99 3.76
N ASN A 72 -4.27 -10.69 4.12
CA ASN A 72 -2.98 -10.57 3.45
C ASN A 72 -2.90 -11.48 2.22
N ILE A 73 -2.73 -10.86 1.07
CA ILE A 73 -2.52 -11.61 -0.19
C ILE A 73 -1.12 -11.22 -0.69
N VAL A 74 -0.27 -12.19 -0.93
CA VAL A 74 1.05 -11.99 -1.49
C VAL A 74 1.08 -12.43 -2.98
N LEU A 75 1.82 -11.69 -3.78
CA LEU A 75 1.98 -12.07 -5.21
C LEU A 75 3.43 -12.62 -5.37
N SER A 76 3.56 -13.65 -6.16
CA SER A 76 4.85 -14.31 -6.50
C SER A 76 4.58 -15.26 -7.70
N ARG A 77 5.49 -15.31 -8.61
CA ARG A 77 5.44 -16.20 -9.80
C ARG A 77 6.21 -17.50 -9.44
N GLU A 78 6.94 -17.50 -8.34
CA GLU A 78 7.76 -18.60 -7.90
C GLU A 78 7.15 -19.52 -6.87
N LEU A 79 6.57 -19.01 -5.79
CA LEU A 79 6.04 -19.87 -4.72
C LEU A 79 4.89 -20.74 -5.27
N LYS A 80 4.83 -21.91 -4.68
CA LYS A 80 3.85 -22.95 -5.06
C LYS A 80 2.66 -22.85 -4.09
N GLU A 81 3.02 -22.41 -2.89
CA GLU A 81 2.06 -22.21 -1.80
C GLU A 81 2.32 -20.88 -1.07
N ALA A 82 1.27 -20.41 -0.42
CA ALA A 82 1.27 -19.19 0.41
C ALA A 82 2.31 -19.36 1.52
N PRO A 83 3.01 -18.26 1.73
CA PRO A 83 4.08 -18.28 2.78
C PRO A 83 3.23 -18.38 4.06
N LYS A 84 3.83 -18.95 5.05
CA LYS A 84 3.26 -19.17 6.38
C LYS A 84 2.72 -17.86 6.93
N GLY A 85 1.43 -17.84 7.20
CA GLY A 85 0.67 -16.73 7.73
C GLY A 85 -0.06 -15.91 6.71
N ALA A 86 0.39 -15.92 5.47
CA ALA A 86 -0.39 -15.17 4.42
C ALA A 86 -1.73 -15.93 4.27
N HIS A 87 -2.73 -15.18 3.88
CA HIS A 87 -4.08 -15.74 3.69
C HIS A 87 -4.18 -16.34 2.29
N TYR A 88 -3.63 -15.64 1.31
CA TYR A 88 -3.71 -16.16 -0.06
C TYR A 88 -2.45 -15.80 -0.82
N LEU A 89 -2.25 -16.59 -1.86
CA LEU A 89 -1.09 -16.42 -2.74
C LEU A 89 -1.68 -16.27 -4.16
N SER A 90 -1.10 -15.35 -4.90
CA SER A 90 -1.53 -15.10 -6.27
C SER A 90 -0.36 -14.84 -7.19
N LYS A 91 -0.56 -15.23 -8.44
CA LYS A 91 0.40 -15.19 -9.53
C LYS A 91 0.43 -13.87 -10.26
N SER A 92 -0.63 -13.08 -10.16
CA SER A 92 -0.56 -11.73 -10.84
C SER A 92 -1.55 -10.85 -10.11
N LEU A 93 -1.54 -9.55 -10.39
CA LEU A 93 -2.51 -8.63 -9.71
C LEU A 93 -3.89 -9.07 -10.19
N ASP A 94 -3.88 -9.42 -11.47
CA ASP A 94 -5.12 -9.89 -12.13
C ASP A 94 -5.72 -11.04 -11.34
N ASP A 95 -4.89 -12.04 -11.12
CA ASP A 95 -5.34 -13.23 -10.35
C ASP A 95 -5.86 -12.72 -9.01
N ALA A 96 -5.11 -11.79 -8.41
CA ALA A 96 -5.50 -11.24 -7.11
C ALA A 96 -6.86 -10.60 -7.22
N LEU A 97 -7.04 -9.77 -8.25
CA LEU A 97 -8.38 -9.08 -8.29
C LEU A 97 -9.50 -10.06 -8.52
N ALA A 98 -9.27 -11.04 -9.38
CA ALA A 98 -10.26 -12.08 -9.70
C ALA A 98 -10.64 -12.78 -8.40
N LEU A 99 -9.64 -13.19 -7.66
CA LEU A 99 -9.87 -13.89 -6.37
C LEU A 99 -10.82 -13.06 -5.50
N LEU A 100 -10.49 -11.78 -5.42
CA LEU A 100 -11.20 -10.83 -4.57
C LEU A 100 -12.70 -10.83 -4.86
N ASP A 101 -13.04 -10.94 -6.13
CA ASP A 101 -14.40 -11.01 -6.63
C ASP A 101 -15.08 -12.33 -6.32
N SER A 102 -14.32 -13.40 -6.12
CA SER A 102 -14.93 -14.72 -5.83
C SER A 102 -15.93 -14.53 -4.70
N PRO A 103 -16.86 -15.47 -4.60
CA PRO A 103 -17.96 -15.42 -3.63
C PRO A 103 -17.50 -15.44 -2.18
N GLU A 104 -16.57 -16.33 -1.89
CA GLU A 104 -16.00 -16.49 -0.55
C GLU A 104 -15.50 -15.19 0.05
N LEU A 105 -14.83 -14.36 -0.74
CA LEU A 105 -14.25 -13.09 -0.33
C LEU A 105 -15.21 -11.91 -0.49
N LYS A 106 -15.70 -11.76 -1.70
CA LYS A 106 -16.57 -10.67 -2.12
C LYS A 106 -17.29 -10.07 -0.91
N SER A 107 -17.98 -10.94 -0.20
CA SER A 107 -18.77 -10.60 0.98
C SER A 107 -17.99 -10.32 2.25
N LYS A 108 -16.71 -10.67 2.29
CA LYS A 108 -15.85 -10.50 3.45
C LYS A 108 -14.93 -9.29 3.43
N VAL A 109 -14.88 -8.64 2.27
CA VAL A 109 -13.96 -7.60 1.97
C VAL A 109 -14.56 -6.26 1.63
N ASP A 110 -14.04 -5.27 2.35
CA ASP A 110 -14.48 -3.86 2.11
C ASP A 110 -13.51 -3.22 1.13
N MET A 111 -12.39 -2.72 1.61
CA MET A 111 -11.41 -2.03 0.79
C MET A 111 -10.20 -2.90 0.44
N VAL A 112 -9.68 -2.64 -0.74
CA VAL A 112 -8.48 -3.27 -1.27
C VAL A 112 -7.35 -2.22 -1.28
N TRP A 113 -6.28 -2.56 -0.57
CA TRP A 113 -5.10 -1.65 -0.52
C TRP A 113 -3.89 -2.33 -1.17
N ILE A 114 -3.17 -1.57 -1.98
CA ILE A 114 -1.91 -2.03 -2.56
C ILE A 114 -0.81 -1.40 -1.70
N VAL A 115 0.04 -2.26 -1.18
CA VAL A 115 1.11 -1.88 -0.30
C VAL A 115 2.50 -2.23 -0.79
N GLY A 116 2.59 -2.36 -2.10
CA GLY A 116 3.91 -2.45 -2.78
C GLY A 116 4.49 -3.81 -2.89
N GLY A 117 5.70 -3.89 -3.44
CA GLY A 117 6.62 -2.92 -3.85
C GLY A 117 6.44 -2.38 -5.27
N THR A 118 7.56 -2.01 -5.89
CA THR A 118 7.56 -1.35 -7.20
C THR A 118 6.66 -1.94 -8.25
N ALA A 119 6.92 -3.19 -8.62
CA ALA A 119 6.12 -3.89 -9.64
C ALA A 119 4.65 -3.91 -9.26
N VAL A 120 4.30 -4.13 -7.99
CA VAL A 120 2.85 -4.16 -7.65
C VAL A 120 2.16 -2.82 -7.86
N TYR A 121 2.76 -1.76 -7.35
CA TYR A 121 2.23 -0.40 -7.48
C TYR A 121 2.06 -0.11 -8.99
N LYS A 122 3.10 -0.46 -9.75
CA LYS A 122 3.06 -0.19 -11.19
C LYS A 122 1.83 -0.81 -11.88
N ALA A 123 1.73 -2.10 -11.68
CA ALA A 123 0.65 -2.95 -12.18
C ALA A 123 -0.68 -2.29 -11.79
N ALA A 124 -0.81 -1.97 -10.52
CA ALA A 124 -2.09 -1.39 -10.01
C ALA A 124 -2.36 -0.05 -10.69
N MET A 125 -1.32 0.76 -10.80
CA MET A 125 -1.40 2.04 -11.47
C MET A 125 -1.88 1.98 -12.89
N GLU A 126 -1.49 1.03 -13.69
CA GLU A 126 -1.92 0.91 -15.08
C GLU A 126 -3.31 0.39 -15.29
N LYS A 127 -3.92 -0.27 -14.35
CA LYS A 127 -5.30 -0.72 -14.38
C LYS A 127 -6.18 0.54 -14.56
N PRO A 128 -7.00 0.45 -15.59
CA PRO A 128 -7.93 1.56 -15.91
C PRO A 128 -9.16 1.34 -15.01
N ILE A 129 -8.89 1.57 -13.73
CA ILE A 129 -9.97 1.52 -12.72
C ILE A 129 -9.73 2.76 -11.81
N ASN A 130 -10.77 3.08 -11.09
CA ASN A 130 -10.81 4.22 -10.14
C ASN A 130 -9.79 3.88 -9.06
N HIS A 131 -8.95 4.85 -8.77
CA HIS A 131 -7.80 4.64 -7.89
C HIS A 131 -7.41 5.92 -7.14
N ARG A 132 -7.24 5.72 -5.84
CA ARG A 132 -6.79 6.74 -4.86
C ARG A 132 -5.43 6.27 -4.28
N LEU A 133 -4.51 7.17 -4.36
CA LEU A 133 -3.11 6.99 -3.98
C LEU A 133 -2.77 7.88 -2.78
N PHE A 134 -2.44 7.22 -1.70
CA PHE A 134 -2.07 7.87 -0.44
C PHE A 134 -0.54 7.80 -0.39
N VAL A 135 0.00 8.98 -0.64
CA VAL A 135 1.47 9.11 -0.62
C VAL A 135 1.85 9.99 0.59
N THR A 136 2.85 9.51 1.31
CA THR A 136 3.47 10.32 2.38
C THR A 136 4.83 10.79 1.80
N ARG A 137 4.97 12.08 1.66
CA ARG A 137 6.20 12.72 1.20
C ARG A 137 7.13 13.13 2.34
N ILE A 138 8.19 12.37 2.51
CA ILE A 138 9.20 12.69 3.59
C ILE A 138 10.23 13.63 2.97
N LEU A 139 10.30 14.83 3.46
CA LEU A 139 11.07 15.94 2.92
C LEU A 139 12.54 15.86 3.29
N HIS A 140 13.12 14.74 3.00
CA HIS A 140 14.54 14.45 3.31
C HIS A 140 14.98 13.35 2.36
N GLU A 141 16.28 13.23 2.18
CA GLU A 141 16.85 12.24 1.25
C GLU A 141 17.62 11.20 2.07
N PHE A 142 17.25 9.94 1.83
CA PHE A 142 17.94 8.81 2.44
C PHE A 142 18.37 7.89 1.26
N GLU A 143 19.48 7.20 1.47
CA GLU A 143 19.91 6.22 0.47
C GLU A 143 18.85 5.14 0.32
N SER A 144 18.48 4.95 -0.93
CA SER A 144 17.44 3.99 -1.33
C SER A 144 17.96 3.21 -2.55
N ASP A 145 17.57 1.94 -2.55
CA ASP A 145 17.94 1.08 -3.68
C ASP A 145 16.68 0.68 -4.41
N THR A 146 15.53 1.11 -3.87
CA THR A 146 14.26 0.74 -4.55
C THR A 146 13.43 2.03 -4.66
N PHE A 147 12.65 2.12 -5.72
CA PHE A 147 11.90 3.33 -6.02
C PHE A 147 10.46 3.09 -6.49
N PHE A 148 9.71 4.16 -6.28
CA PHE A 148 8.33 4.28 -6.60
C PHE A 148 8.23 4.62 -8.10
N PRO A 149 7.33 3.93 -8.75
CA PRO A 149 7.13 4.20 -10.21
C PRO A 149 6.62 5.63 -10.37
N GLU A 150 6.74 6.13 -11.57
CA GLU A 150 6.29 7.45 -11.97
C GLU A 150 4.81 7.61 -11.98
N ILE A 151 4.31 8.66 -11.32
CA ILE A 151 2.88 8.96 -11.30
C ILE A 151 2.54 9.86 -12.48
N ASP A 152 1.55 9.42 -13.27
CA ASP A 152 1.00 10.15 -14.38
C ASP A 152 0.14 11.33 -13.85
N TYR A 153 0.79 12.47 -13.71
CA TYR A 153 0.12 13.67 -13.24
C TYR A 153 -1.08 14.04 -14.08
N LYS A 154 -1.19 13.41 -15.22
CA LYS A 154 -2.35 13.62 -16.12
C LYS A 154 -3.53 12.83 -15.60
N ASP A 155 -3.30 11.62 -15.15
CA ASP A 155 -4.35 10.76 -14.61
C ASP A 155 -4.64 10.98 -13.15
N PHE A 156 -3.59 11.04 -12.36
CA PHE A 156 -3.69 11.18 -10.92
C PHE A 156 -3.61 12.67 -10.54
N LYS A 157 -4.76 13.20 -10.20
CA LYS A 157 -4.92 14.58 -9.76
C LYS A 157 -4.81 14.59 -8.21
N LEU A 158 -4.02 15.53 -7.76
CA LEU A 158 -3.74 15.71 -6.33
C LEU A 158 -4.93 16.43 -5.72
N LEU A 159 -5.55 15.80 -4.73
CA LEU A 159 -6.61 16.51 -4.01
C LEU A 159 -5.93 17.55 -3.10
N THR A 160 -6.66 18.62 -2.89
CA THR A 160 -6.20 19.71 -1.99
C THR A 160 -6.61 19.40 -0.57
N GLU A 161 -7.57 18.50 -0.40
CA GLU A 161 -8.02 18.08 0.92
C GLU A 161 -8.74 16.71 0.88
N TYR A 162 -8.60 15.97 1.98
CA TYR A 162 -9.24 14.67 2.10
C TYR A 162 -9.57 14.40 3.57
N PRO A 163 -10.78 13.93 3.76
CA PRO A 163 -11.27 13.57 5.07
C PRO A 163 -10.37 12.70 5.90
N GLY A 164 -9.85 13.28 6.99
CA GLY A 164 -9.05 12.49 7.94
C GLY A 164 -7.58 12.43 7.59
N VAL A 165 -7.17 13.27 6.64
CA VAL A 165 -5.73 13.32 6.30
C VAL A 165 -5.25 14.71 6.72
N PRO A 166 -4.40 14.71 7.74
CA PRO A 166 -3.89 16.04 8.24
C PRO A 166 -3.45 16.86 7.04
N ALA A 167 -3.63 18.16 7.04
CA ALA A 167 -3.22 18.99 5.88
C ALA A 167 -1.81 19.53 5.94
N ASP A 168 -1.42 19.99 7.12
CA ASP A 168 -0.14 20.64 7.38
C ASP A 168 1.03 19.64 7.24
N ILE A 169 2.20 20.23 7.11
CA ILE A 169 3.45 19.44 7.17
C ILE A 169 3.57 18.94 8.65
N GLN A 170 3.85 17.66 8.77
CA GLN A 170 4.05 17.01 10.05
C GLN A 170 5.56 16.99 10.33
N GLU A 171 5.88 16.79 11.58
CA GLU A 171 7.31 16.67 11.94
C GLU A 171 7.39 15.58 13.02
N GLU A 172 8.39 14.76 12.92
CA GLU A 172 8.59 13.73 14.02
C GLU A 172 10.06 13.36 13.90
N ASP A 173 10.75 13.17 14.99
CA ASP A 173 12.15 12.90 15.09
C ASP A 173 12.98 13.87 14.22
N GLY A 174 12.61 15.09 14.13
CA GLY A 174 13.38 16.09 13.41
C GLY A 174 13.18 16.05 11.91
N ILE A 175 12.32 15.17 11.47
CA ILE A 175 11.99 14.98 10.04
C ILE A 175 10.61 15.55 9.76
N GLN A 176 10.48 16.23 8.62
CA GLN A 176 9.17 16.75 8.17
C GLN A 176 8.64 15.88 7.03
N TYR A 177 7.33 15.80 7.01
CA TYR A 177 6.65 14.99 5.95
C TYR A 177 5.29 15.54 5.73
N LYS A 178 4.69 15.23 4.59
CA LYS A 178 3.31 15.62 4.28
C LYS A 178 2.52 14.50 3.62
N PHE A 179 1.27 14.45 4.05
CA PHE A 179 0.33 13.49 3.47
C PHE A 179 -0.33 14.11 2.23
N GLU A 180 -0.31 13.34 1.19
CA GLU A 180 -0.97 13.69 -0.06
C GLU A 180 -1.85 12.53 -0.52
N VAL A 181 -2.85 12.88 -1.26
CA VAL A 181 -3.84 12.03 -1.90
C VAL A 181 -4.05 12.49 -3.34
N TYR A 182 -3.88 11.50 -4.20
CA TYR A 182 -4.09 11.66 -5.63
C TYR A 182 -5.25 10.71 -6.01
N GLN A 183 -5.97 11.14 -7.01
CA GLN A 183 -7.12 10.39 -7.48
C GLN A 183 -7.16 10.27 -9.00
N LYS A 184 -7.40 9.04 -9.41
CA LYS A 184 -7.59 8.72 -10.82
C LYS A 184 -9.03 8.24 -10.98
N SER A 185 -9.74 8.97 -11.82
CA SER A 185 -11.15 8.67 -12.10
C SER A 185 -11.30 7.98 -13.44
N VAL A 186 -11.89 6.81 -13.42
CA VAL A 186 -12.24 6.11 -14.66
C VAL A 186 -13.81 6.02 -14.68
HG HG B . 15.40 9.42 -0.60
HG HG B . 14.36 7.49 0.07
CA CA C . 12.18 -13.95 -8.52
PA NAP D . 8.23 -6.61 -4.04
O1A NAP D . 7.40 -5.88 -5.00
O2A NAP D . 7.59 -6.50 -2.66
O5B NAP D . 8.47 -8.18 -4.29
C5B NAP D . 8.97 -8.71 -5.52
C4B NAP D . 8.40 -10.05 -5.88
O4B NAP D . 7.24 -10.08 -5.72
C3B NAP D . 8.71 -10.38 -7.38
O3B NAP D . 10.09 -11.00 -7.33
C2B NAP D . 7.63 -11.49 -7.52
O2B NAP D . 7.97 -12.63 -6.81
C1B NAP D . 6.53 -10.83 -6.77
N9A NAP D . 5.82 -9.83 -7.59
C8A NAP D . 5.98 -8.50 -7.54
N7A NAP D . 5.10 -7.91 -8.34
C5A NAP D . 4.45 -9.06 -8.95
C6A NAP D . 3.31 -9.27 -9.98
N6A NAP D . 2.66 -8.26 -10.63
N1A NAP D . 2.89 -10.51 -10.23
C2A NAP D . 3.56 -11.49 -9.59
N3A NAP D . 4.51 -11.45 -8.68
C4A NAP D . 4.93 -10.17 -8.44
O3 NAP D . 9.66 -6.00 -3.87
PN NAP D . 10.28 -4.53 -4.03
O1N NAP D . 9.71 -3.75 -5.10
O2N NAP D . 11.73 -4.59 -4.09
O5D NAP D . 9.83 -3.88 -2.61
C5D NAP D . 10.35 -4.42 -1.31
C4D NAP D . 11.28 -3.31 -0.81
O4D NAP D . 10.53 -2.08 -0.82
C3D NAP D . 11.79 -3.42 0.70
O3D NAP D . 12.97 -2.56 0.83
C2D NAP D . 10.56 -2.76 1.42
O2D NAP D . 11.00 -2.34 2.70
C1D NAP D . 10.25 -1.59 0.53
N1N NAP D . 8.83 -1.05 0.70
C2N NAP D . 8.53 0.29 1.05
C3N NAP D . 7.31 0.79 1.05
C7N NAP D . 7.15 2.19 1.43
O7N NAP D . 5.97 2.68 1.48
N7N NAP D . 8.28 2.91 1.68
C4N NAP D . 6.04 -0.05 0.66
C5N NAP D . 6.49 -1.46 0.27
C6N NAP D . 7.76 -1.87 0.30
P2B NAP D . 8.70 -13.89 -7.43
O1X NAP D . 10.14 -13.55 -7.72
O2X NAP D . 7.93 -14.08 -8.72
O3X NAP D . 8.51 -15.05 -6.52
N1 HBI E . 2.81 3.09 3.60
N2 HBI E . 2.57 5.35 4.37
C2 HBI E . 3.24 4.17 4.45
N3 HBI E . 4.21 3.94 5.36
C4 HBI E . 4.95 2.79 5.56
O4 HBI E . 5.90 2.70 6.42
C4A HBI E . 4.58 1.77 4.61
C8A HBI E . 3.55 1.94 3.71
N8 HBI E . 3.19 1.01 2.78
C7 HBI E . 3.77 -0.12 2.91
C6 HBI E . 4.77 -0.45 3.80
N5 HBI E . 5.19 0.56 4.66
C9 HBI E . 5.48 -1.77 3.81
O9 HBI E . 6.87 -1.48 3.79
C10 HBI E . 5.20 -2.79 4.91
O10 HBI E . 5.59 -2.14 6.18
C11 HBI E . 3.72 -3.03 4.87
#